data_5IJA
#
_entry.id   5IJA
#
_cell.length_a   43.209
_cell.length_b   64.467
_cell.length_c   106.906
_cell.angle_alpha   90.00
_cell.angle_beta   90.00
_cell.angle_gamma   90.00
#
_symmetry.space_group_name_H-M   'P 21 21 21'
#
loop_
_entity.id
_entity.type
_entity.pdbx_description
1 polymer 'Hydrogenase-specific maturation endopeptidase'
2 water water
#
_entity_poly.entity_id   1
_entity_poly.type   'polypeptide(L)'
_entity_poly.pdbx_seq_one_letter_code
;MRVLILALGNELMKDDGAGLKAGRILAEKGYNVLEVGTDIFRLANHYNGEERIVIIDAILSDKLKPGEVVHFSGEEIFEK
LKAEIRSAHFMGAIDGLKLLMALDERLKRAEIHFIGIVAKEIDLGMELSDEVKAGVQKAVEIAEKLAK
;
_entity_poly.pdbx_strand_id   A,B
#
# COMPACT_ATOMS: atom_id res chain seq x y z
N MET A 1 -7.04 7.84 6.86
CA MET A 1 -7.01 8.19 5.44
C MET A 1 -7.14 6.96 4.54
N ARG A 2 -8.25 6.86 3.84
CA ARG A 2 -8.48 5.75 2.92
C ARG A 2 -8.53 6.30 1.52
N VAL A 3 -7.77 5.68 0.62
CA VAL A 3 -7.56 6.23 -0.71
C VAL A 3 -8.14 5.31 -1.78
N LEU A 4 -8.85 5.89 -2.74
CA LEU A 4 -9.36 5.13 -3.88
C LEU A 4 -8.67 5.58 -5.16
N ILE A 5 -8.18 4.64 -5.96
CA ILE A 5 -7.52 4.97 -7.22
C ILE A 5 -8.48 4.69 -8.38
N LEU A 6 -8.68 5.69 -9.24
CA LEU A 6 -9.52 5.53 -10.42
C LEU A 6 -8.65 5.50 -11.66
N ALA A 7 -8.61 4.37 -12.35
CA ALA A 7 -7.82 4.26 -13.56
C ALA A 7 -8.71 4.48 -14.77
N LEU A 8 -8.32 5.43 -15.62
CA LEU A 8 -9.10 5.82 -16.80
C LEU A 8 -8.31 5.46 -18.03
N GLY A 9 -9.01 5.35 -19.16
CA GLY A 9 -8.35 5.12 -20.44
C GLY A 9 -8.98 4.02 -21.26
N ASN A 10 -8.40 3.79 -22.43
CA ASN A 10 -8.82 2.72 -23.33
C ASN A 10 -7.60 1.88 -23.68
N GLU A 11 -7.61 0.64 -23.23
CA GLU A 11 -6.47 -0.23 -23.38
C GLU A 11 -6.21 -0.62 -24.85
N LEU A 12 -7.22 -0.49 -25.69
CA LEU A 12 -7.07 -0.87 -27.09
C LEU A 12 -6.48 0.24 -27.96
N MET A 13 -6.07 1.35 -27.34
CA MET A 13 -5.55 2.47 -28.13
C MET A 13 -4.13 2.83 -27.67
N LYS A 14 -3.35 1.78 -27.42
CA LYS A 14 -1.92 1.88 -27.12
C LYS A 14 -1.66 2.66 -25.83
N ASP A 15 -1.08 3.83 -25.97
CA ASP A 15 -0.75 4.66 -24.83
C ASP A 15 -1.99 5.19 -24.12
N ASP A 16 -3.15 5.12 -24.78
CA ASP A 16 -4.39 5.54 -24.12
C ASP A 16 -4.82 4.52 -23.06
N GLY A 17 -4.06 3.43 -22.91
CA GLY A 17 -4.25 2.50 -21.81
C GLY A 17 -3.23 2.67 -20.68
N ALA A 18 -2.47 3.76 -20.70
CA ALA A 18 -1.40 3.93 -19.71
C ALA A 18 -1.97 3.98 -18.29
N GLY A 19 -3.07 4.72 -18.14
CA GLY A 19 -3.77 4.79 -16.87
C GLY A 19 -4.21 3.46 -16.34
N LEU A 20 -4.74 2.61 -17.23
CA LEU A 20 -5.22 1.29 -16.84
C LEU A 20 -4.05 0.40 -16.42
N LYS A 21 -2.92 0.52 -17.13
CA LYS A 21 -1.77 -0.30 -16.83
C LYS A 21 -1.19 0.06 -15.46
N ALA A 22 -1.10 1.37 -15.21
CA ALA A 22 -0.70 1.84 -13.89
C ALA A 22 -1.66 1.32 -12.81
N GLY A 23 -2.96 1.39 -13.08
CA GLY A 23 -3.95 0.84 -12.17
C GLY A 23 -3.81 -0.64 -11.89
N ARG A 24 -3.59 -1.42 -12.93
CA ARG A 24 -3.38 -2.86 -12.74
C ARG A 24 -2.14 -3.14 -11.89
N ILE A 25 -1.06 -2.39 -12.11
CA ILE A 25 0.13 -2.54 -11.26
C ILE A 25 -0.19 -2.24 -9.81
N LEU A 26 -0.90 -1.14 -9.57
CA LEU A 26 -1.30 -0.79 -8.21
C LEU A 26 -2.25 -1.85 -7.61
N ALA A 27 -3.15 -2.39 -8.43
CA ALA A 27 -4.08 -3.40 -7.95
C ALA A 27 -3.34 -4.67 -7.49
N GLU A 28 -2.35 -5.08 -8.29
CA GLU A 28 -1.51 -6.23 -7.95
C GLU A 28 -0.74 -5.97 -6.65
N LYS A 29 -0.48 -4.70 -6.37
CA LYS A 29 0.26 -4.33 -5.15
C LYS A 29 -0.66 -4.17 -3.94
N GLY A 30 -1.95 -4.43 -4.14
CA GLY A 30 -2.90 -4.45 -3.04
C GLY A 30 -3.76 -3.20 -2.84
N TYR A 31 -3.54 -2.18 -3.67
CA TYR A 31 -4.26 -0.92 -3.51
C TYR A 31 -5.69 -1.03 -3.97
N ASN A 32 -6.53 -0.13 -3.45
CA ASN A 32 -7.92 -0.10 -3.84
C ASN A 32 -8.06 0.63 -5.17
N VAL A 33 -8.15 -0.15 -6.24
CA VAL A 33 -8.21 0.38 -7.60
C VAL A 33 -9.52 0.07 -8.30
N LEU A 34 -10.19 1.08 -8.81
CA LEU A 34 -11.36 0.87 -9.66
C LEU A 34 -10.97 1.15 -11.10
N GLU A 35 -11.16 0.16 -11.96
CA GLU A 35 -10.90 0.43 -13.37
C GLU A 35 -12.15 1.08 -13.98
N VAL A 36 -12.08 2.40 -14.11
CA VAL A 36 -13.21 3.15 -14.64
C VAL A 36 -13.26 3.04 -16.16
N GLY A 37 -12.09 3.08 -16.79
CA GLY A 37 -12.02 3.08 -18.24
C GLY A 37 -12.59 4.35 -18.80
N THR A 38 -13.78 4.25 -19.39
CA THR A 38 -14.45 5.41 -19.97
C THR A 38 -15.85 5.61 -19.40
N ASP A 39 -16.14 4.97 -18.27
CA ASP A 39 -17.48 5.02 -17.69
C ASP A 39 -17.46 5.34 -16.19
N ILE A 40 -17.59 6.62 -15.86
CA ILE A 40 -17.44 7.04 -14.48
C ILE A 40 -18.55 6.46 -13.57
N PHE A 41 -19.67 6.06 -14.13
CA PHE A 41 -20.78 5.57 -13.30
C PHE A 41 -20.50 4.20 -12.67
N ARG A 42 -19.40 3.57 -13.08
CA ARG A 42 -18.89 2.39 -12.38
C ARG A 42 -18.58 2.71 -10.91
N LEU A 43 -18.30 3.97 -10.64
CA LEU A 43 -17.97 4.39 -9.30
C LEU A 43 -19.16 4.29 -8.35
N ALA A 44 -20.37 4.42 -8.88
CA ALA A 44 -21.57 4.36 -8.02
C ALA A 44 -21.57 3.09 -7.17
N ASN A 45 -21.25 1.97 -7.80
CA ASN A 45 -21.26 0.69 -7.11
C ASN A 45 -20.03 0.44 -6.24
N HIS A 46 -19.00 1.26 -6.39
CA HIS A 46 -17.71 0.94 -5.78
C HIS A 46 -17.31 1.85 -4.61
N TYR A 47 -17.68 3.13 -4.71
CA TYR A 47 -17.23 4.11 -3.72
C TYR A 47 -17.67 3.73 -2.30
N ASN A 48 -16.76 3.88 -1.35
CA ASN A 48 -17.03 3.50 0.04
C ASN A 48 -16.56 4.56 1.03
N GLY A 49 -16.71 5.82 0.65
CA GLY A 49 -16.42 6.92 1.57
C GLY A 49 -14.95 7.34 1.65
N GLU A 50 -14.15 6.86 0.71
CA GLU A 50 -12.71 7.16 0.69
C GLU A 50 -12.53 8.67 0.68
N GLU A 51 -11.53 9.15 1.44
CA GLU A 51 -11.37 10.58 1.63
C GLU A 51 -10.41 11.20 0.61
N ARG A 52 -9.69 10.33 -0.10
CA ARG A 52 -8.77 10.77 -1.15
C ARG A 52 -9.03 9.93 -2.38
N ILE A 53 -9.13 10.60 -3.52
CA ILE A 53 -9.31 9.93 -4.83
C ILE A 53 -8.14 10.26 -5.74
N VAL A 54 -7.50 9.24 -6.29
CA VAL A 54 -6.36 9.48 -7.17
C VAL A 54 -6.71 9.00 -8.58
N ILE A 55 -6.87 9.94 -9.51
CA ILE A 55 -7.25 9.62 -10.88
C ILE A 55 -5.99 9.48 -11.72
N ILE A 56 -5.88 8.41 -12.48
CA ILE A 56 -4.74 8.20 -13.34
C ILE A 56 -5.22 8.04 -14.77
N ASP A 57 -4.66 8.84 -15.66
CA ASP A 57 -5.12 8.92 -17.02
C ASP A 57 -4.00 9.16 -18.03
N ALA A 58 -4.23 8.68 -19.25
CA ALA A 58 -3.42 9.07 -20.40
C ALA A 58 -3.83 10.45 -20.88
N ILE A 59 -2.85 11.29 -21.21
CA ILE A 59 -3.16 12.66 -21.65
C ILE A 59 -2.35 13.06 -22.89
N LEU A 60 -2.81 14.10 -23.57
CA LEU A 60 -2.05 14.70 -24.66
C LEU A 60 -1.59 16.09 -24.26
N SER A 61 -0.32 16.35 -24.45
CA SER A 61 0.23 17.66 -24.19
C SER A 61 1.28 17.99 -25.25
N ASP A 62 1.57 19.27 -25.41
CA ASP A 62 2.58 19.68 -26.37
C ASP A 62 3.66 20.52 -25.69
N LYS A 63 3.37 20.98 -24.48
CA LYS A 63 4.39 21.61 -23.66
C LYS A 63 5.37 20.54 -23.20
N LEU A 64 4.88 19.31 -23.10
CA LEU A 64 5.66 18.22 -22.55
C LEU A 64 5.89 17.11 -23.56
N LYS A 65 6.90 16.29 -23.31
CA LYS A 65 7.26 15.19 -24.21
C LYS A 65 6.64 13.89 -23.72
N PRO A 66 6.46 12.91 -24.62
CA PRO A 66 5.89 11.61 -24.25
C PRO A 66 6.61 10.91 -23.10
N GLY A 67 5.84 10.27 -22.24
CA GLY A 67 6.39 9.55 -21.11
C GLY A 67 6.48 10.43 -19.88
N GLU A 68 6.27 11.72 -20.07
CA GLU A 68 6.23 12.67 -18.96
C GLU A 68 4.98 12.46 -18.11
N VAL A 69 5.07 12.78 -16.83
CA VAL A 69 3.91 12.65 -15.95
C VAL A 69 3.61 13.97 -15.23
N VAL A 70 2.33 14.34 -15.20
CA VAL A 70 1.89 15.49 -14.43
C VAL A 70 1.10 15.03 -13.22
N HIS A 71 1.06 15.87 -12.19
CA HIS A 71 0.30 15.59 -10.97
C HIS A 71 -0.30 16.87 -10.43
N PHE A 72 -1.62 16.98 -10.52
CA PHE A 72 -2.34 18.13 -10.01
C PHE A 72 -3.34 17.69 -8.96
N SER A 73 -3.77 18.62 -8.11
CA SER A 73 -4.81 18.28 -7.14
C SER A 73 -5.71 19.46 -6.84
N GLY A 74 -6.92 19.15 -6.39
CA GLY A 74 -7.87 20.19 -6.00
C GLY A 74 -8.34 21.02 -7.18
N GLU A 75 -8.60 22.31 -6.92
CA GLU A 75 -9.14 23.19 -7.95
C GLU A 75 -8.16 23.34 -9.11
N GLU A 76 -6.87 23.15 -8.80
CA GLU A 76 -5.79 23.21 -9.79
C GLU A 76 -6.03 22.28 -10.98
N ILE A 77 -6.66 21.13 -10.73
CA ILE A 77 -6.89 20.14 -11.78
C ILE A 77 -7.68 20.74 -12.94
N PHE A 78 -8.73 21.47 -12.60
CA PHE A 78 -9.64 21.99 -13.61
C PHE A 78 -9.02 23.21 -14.32
N GLU A 79 -8.18 23.97 -13.63
CA GLU A 79 -7.45 25.07 -14.27
C GLU A 79 -6.44 24.52 -15.29
N LYS A 80 -5.77 23.44 -14.96
CA LYS A 80 -4.84 22.78 -15.85
C LYS A 80 -5.44 22.13 -17.07
N LEU A 81 -6.56 21.47 -16.89
CA LEU A 81 -7.18 20.77 -17.97
C LEU A 81 -7.73 21.75 -18.97
N LYS A 82 -7.83 23.00 -18.58
CA LYS A 82 -8.34 23.99 -19.48
C LYS A 82 -7.44 24.17 -20.68
N ALA A 83 -6.16 24.31 -20.41
CA ALA A 83 -5.24 24.62 -21.49
C ALA A 83 -4.16 23.56 -21.61
N GLU A 84 -3.43 23.39 -20.53
CA GLU A 84 -2.23 22.61 -20.60
C GLU A 84 -2.40 21.16 -20.93
N ILE A 85 -3.43 20.53 -20.41
CA ILE A 85 -3.48 19.09 -20.41
C ILE A 85 -4.70 18.61 -21.14
N ARG A 86 -4.61 17.53 -21.89
CA ARG A 86 -5.81 17.01 -22.53
C ARG A 86 -6.05 15.56 -22.29
N SER A 87 -7.06 15.25 -21.48
CA SER A 87 -7.50 13.89 -21.36
C SER A 87 -8.92 13.86 -21.71
N ALA A 88 -9.19 13.24 -22.84
CA ALA A 88 -10.52 13.07 -23.32
C ALA A 88 -11.24 12.30 -22.25
N HIS A 89 -10.53 11.36 -21.64
CA HIS A 89 -11.12 10.48 -20.70
C HIS A 89 -11.65 11.11 -19.45
N PHE A 90 -10.86 11.92 -18.77
CA PHE A 90 -11.37 12.53 -17.57
C PHE A 90 -12.46 13.48 -17.98
N MET A 91 -12.26 14.18 -19.08
CA MET A 91 -13.28 15.09 -19.60
C MET A 91 -14.63 14.39 -19.77
N GLY A 92 -14.59 13.13 -20.18
CA GLY A 92 -15.79 12.34 -20.36
C GLY A 92 -16.41 11.90 -19.05
N ALA A 93 -15.66 12.07 -17.97
CA ALA A 93 -16.07 11.60 -16.64
C ALA A 93 -16.58 12.71 -15.74
N ILE A 94 -16.22 13.95 -16.07
CA ILE A 94 -16.50 15.09 -15.20
C ILE A 94 -17.98 15.23 -14.84
N ASP A 95 -18.87 15.16 -15.83
CA ASP A 95 -20.29 15.39 -15.58
C ASP A 95 -20.85 14.33 -14.62
N GLY A 96 -20.48 13.08 -14.87
CA GLY A 96 -20.93 11.96 -14.06
C GLY A 96 -20.32 12.04 -12.67
N LEU A 97 -19.06 12.46 -12.59
CA LEU A 97 -18.44 12.60 -11.28
C LEU A 97 -19.17 13.68 -10.49
N LYS A 98 -19.54 14.77 -11.17
CA LYS A 98 -20.28 15.86 -10.52
C LYS A 98 -21.61 15.39 -9.95
N LEU A 99 -22.33 14.58 -10.72
CA LEU A 99 -23.62 14.03 -10.27
C LEU A 99 -23.42 13.15 -9.05
N LEU A 100 -22.42 12.27 -9.10
CA LEU A 100 -22.16 11.39 -7.96
C LEU A 100 -21.77 12.18 -6.72
N MET A 101 -21.05 13.28 -6.90
CA MET A 101 -20.74 14.16 -5.77
C MET A 101 -21.98 14.85 -5.21
N ALA A 102 -22.92 15.23 -6.07
CA ALA A 102 -24.17 15.84 -5.61
C ALA A 102 -24.98 14.87 -4.76
N LEU A 103 -24.71 13.58 -4.94
CA LEU A 103 -25.46 12.51 -4.28
C LEU A 103 -24.75 11.92 -3.06
N ASP A 104 -23.48 12.27 -2.87
CA ASP A 104 -22.71 11.74 -1.75
C ASP A 104 -21.75 12.81 -1.26
N GLU A 105 -22.07 13.41 -0.11
CA GLU A 105 -21.24 14.49 0.45
C GLU A 105 -19.80 14.08 0.71
N ARG A 106 -19.56 12.79 0.95
CA ARG A 106 -18.20 12.36 1.22
C ARG A 106 -17.37 12.46 -0.04
N LEU A 107 -17.99 12.11 -1.17
CA LEU A 107 -17.32 12.17 -2.46
C LEU A 107 -17.09 13.61 -2.85
N LYS A 108 -18.10 14.43 -2.58
CA LYS A 108 -18.01 15.86 -2.88
C LYS A 108 -16.84 16.51 -2.14
N ARG A 109 -16.62 16.12 -0.89
CA ARG A 109 -15.58 16.74 -0.05
C ARG A 109 -14.23 16.02 -0.15
N ALA A 110 -14.17 14.92 -0.90
CA ALA A 110 -12.94 14.13 -0.97
C ALA A 110 -11.81 14.91 -1.64
N GLU A 111 -10.59 14.58 -1.26
CA GLU A 111 -9.40 15.19 -1.85
C GLU A 111 -9.11 14.54 -3.20
N ILE A 112 -9.12 15.33 -4.27
CA ILE A 112 -8.93 14.76 -5.60
C ILE A 112 -7.55 15.05 -6.15
N HIS A 113 -6.91 14.01 -6.69
CA HIS A 113 -5.61 14.10 -7.32
C HIS A 113 -5.68 13.57 -8.73
N PHE A 114 -4.92 14.17 -9.63
CA PHE A 114 -4.92 13.77 -11.04
C PHE A 114 -3.48 13.50 -11.43
N ILE A 115 -3.24 12.30 -11.93
CA ILE A 115 -1.95 11.93 -12.48
C ILE A 115 -2.13 11.69 -13.97
N GLY A 116 -1.45 12.48 -14.79
CA GLY A 116 -1.55 12.36 -16.23
C GLY A 116 -0.26 11.84 -16.84
N ILE A 117 -0.40 10.84 -17.71
CA ILE A 117 0.75 10.25 -18.39
C ILE A 117 0.73 10.64 -19.85
N VAL A 118 1.73 11.40 -20.28
CA VAL A 118 1.71 11.97 -21.62
C VAL A 118 1.96 10.89 -22.67
N ALA A 119 0.95 10.67 -23.50
CA ALA A 119 0.98 9.63 -24.50
C ALA A 119 1.86 10.01 -25.70
N LYS A 120 2.24 9.00 -26.47
CA LYS A 120 2.99 9.22 -27.70
C LYS A 120 2.19 8.68 -28.90
N GLU A 121 1.85 7.40 -28.85
CA GLU A 121 1.04 6.77 -29.88
C GLU A 121 -0.33 6.38 -29.35
N ILE A 122 -1.36 7.13 -29.73
CA ILE A 122 -2.73 6.81 -29.34
C ILE A 122 -3.47 6.15 -30.49
N ASP A 123 -2.79 5.23 -31.18
CA ASP A 123 -3.38 4.48 -32.28
C ASP A 123 -3.74 3.07 -31.81
N LEU A 124 -4.28 2.25 -32.70
CA LEU A 124 -4.81 0.93 -32.33
C LEU A 124 -3.72 -0.05 -31.93
N GLY A 125 -3.90 -0.71 -30.79
CA GLY A 125 -2.95 -1.68 -30.26
C GLY A 125 -2.95 -1.78 -28.74
N MET A 126 -2.48 -2.92 -28.22
CA MET A 126 -2.55 -3.22 -26.79
C MET A 126 -1.23 -3.06 -26.04
N GLU A 127 -0.16 -2.68 -26.74
CA GLU A 127 1.14 -2.53 -26.10
C GLU A 127 1.49 -1.06 -25.91
N LEU A 128 2.12 -0.75 -24.78
CA LEU A 128 2.61 0.60 -24.53
C LEU A 128 3.94 0.84 -25.24
N SER A 129 4.13 2.06 -25.73
CA SER A 129 5.42 2.49 -26.25
C SER A 129 6.44 2.54 -25.11
N ASP A 130 7.72 2.41 -25.46
CA ASP A 130 8.76 2.35 -24.44
C ASP A 130 8.77 3.61 -23.58
N GLU A 131 8.57 4.78 -24.19
CA GLU A 131 8.61 6.02 -23.42
C GLU A 131 7.50 6.09 -22.36
N VAL A 132 6.36 5.49 -22.67
CA VAL A 132 5.20 5.55 -21.78
C VAL A 132 5.29 4.47 -20.69
N LYS A 133 6.02 3.39 -20.97
CA LYS A 133 6.34 2.41 -19.91
C LYS A 133 7.01 3.11 -18.74
N ALA A 134 7.98 3.97 -19.07
CA ALA A 134 8.69 4.77 -18.08
C ALA A 134 7.73 5.66 -17.30
N GLY A 135 6.81 6.29 -18.03
CA GLY A 135 5.79 7.10 -17.43
C GLY A 135 4.89 6.33 -16.48
N VAL A 136 4.48 5.11 -16.87
CA VAL A 136 3.64 4.29 -15.99
C VAL A 136 4.35 4.02 -14.66
N GLN A 137 5.64 3.77 -14.73
CA GLN A 137 6.42 3.53 -13.53
C GLN A 137 6.41 4.73 -12.60
N LYS A 138 6.59 5.93 -13.15
CA LYS A 138 6.59 7.10 -12.28
C LYS A 138 5.18 7.45 -11.79
N ALA A 139 4.16 7.20 -12.61
CA ALA A 139 2.79 7.39 -12.16
C ALA A 139 2.49 6.49 -10.97
N VAL A 140 2.96 5.24 -11.03
CA VAL A 140 2.74 4.30 -9.95
C VAL A 140 3.44 4.78 -8.66
N GLU A 141 4.63 5.33 -8.80
CA GLU A 141 5.39 5.85 -7.65
C GLU A 141 4.69 7.01 -6.96
N ILE A 142 4.16 7.93 -7.76
CA ILE A 142 3.40 9.05 -7.21
C ILE A 142 2.15 8.55 -6.48
N ALA A 143 1.43 7.62 -7.09
CA ALA A 143 0.20 7.12 -6.49
C ALA A 143 0.45 6.39 -5.16
N GLU A 144 1.55 5.64 -5.06
CA GLU A 144 1.84 4.91 -3.82
C GLU A 144 2.09 5.87 -2.67
N LYS A 145 2.77 6.97 -2.97
CA LYS A 145 2.94 8.03 -1.99
C LYS A 145 1.60 8.63 -1.55
N LEU A 146 0.67 8.83 -2.47
CA LEU A 146 -0.61 9.44 -2.12
C LEU A 146 -1.49 8.48 -1.33
N ALA A 147 -1.22 7.19 -1.46
CA ALA A 147 -2.03 6.17 -0.82
C ALA A 147 -1.30 5.56 0.37
N LYS A 148 -1.33 6.27 1.50
CA LYS A 148 -0.63 5.82 2.69
C LYS A 148 -1.48 4.92 3.57
N MET B 1 7.51 9.97 7.54
CA MET B 1 7.89 9.40 8.83
C MET B 1 9.14 8.57 8.69
N ARG B 2 9.83 8.35 9.81
CA ARG B 2 10.86 7.31 9.87
C ARG B 2 10.18 6.03 10.34
N VAL B 3 10.54 4.90 9.75
CA VAL B 3 9.86 3.66 10.08
C VAL B 3 10.85 2.66 10.64
N LEU B 4 10.46 2.03 11.76
CA LEU B 4 11.26 0.98 12.37
C LEU B 4 10.48 -0.33 12.27
N ILE B 5 11.12 -1.36 11.73
CA ILE B 5 10.49 -2.68 11.65
C ILE B 5 11.02 -3.57 12.76
N LEU B 6 10.12 -4.21 13.51
CA LEU B 6 10.51 -5.10 14.60
C LEU B 6 10.19 -6.54 14.16
N ALA B 7 11.24 -7.33 13.94
CA ALA B 7 11.08 -8.70 13.48
C ALA B 7 11.10 -9.64 14.68
N LEU B 8 10.00 -10.37 14.90
CA LEU B 8 9.91 -11.26 16.04
C LEU B 8 9.97 -12.70 15.59
N GLY B 9 10.41 -13.58 16.49
CA GLY B 9 10.35 -15.01 16.20
C GLY B 9 11.54 -15.79 16.67
N ASN B 10 11.55 -17.07 16.28
CA ASN B 10 12.60 -18.01 16.69
C ASN B 10 13.03 -18.81 15.46
N GLU B 11 14.25 -18.57 15.01
CA GLU B 11 14.75 -19.15 13.77
C GLU B 11 14.89 -20.68 13.80
N LEU B 12 14.92 -21.27 15.00
CA LEU B 12 15.12 -22.71 15.10
C LEU B 12 13.83 -23.43 15.24
N MET B 13 12.72 -22.71 15.07
CA MET B 13 11.42 -23.36 15.22
C MET B 13 10.60 -23.22 13.93
N LYS B 14 11.25 -23.52 12.80
CA LYS B 14 10.61 -23.56 11.48
C LYS B 14 9.81 -22.28 11.23
N ASP B 15 8.49 -22.42 11.05
CA ASP B 15 7.65 -21.25 10.69
C ASP B 15 7.55 -20.17 11.76
N ASP B 16 7.96 -20.48 12.98
CA ASP B 16 8.02 -19.47 14.03
C ASP B 16 9.21 -18.52 13.79
N GLY B 17 10.03 -18.82 12.77
CA GLY B 17 11.08 -17.89 12.35
C GLY B 17 10.68 -16.95 11.22
N ALA B 18 9.43 -17.04 10.77
CA ALA B 18 8.99 -16.30 9.59
C ALA B 18 9.21 -14.78 9.71
N GLY B 19 8.94 -14.24 10.89
CA GLY B 19 9.08 -12.81 11.13
C GLY B 19 10.52 -12.37 10.94
N LEU B 20 11.45 -13.24 11.33
CA LEU B 20 12.87 -12.93 11.25
C LEU B 20 13.35 -12.97 9.80
N LYS B 21 12.84 -13.95 9.05
CA LYS B 21 13.21 -14.07 7.65
C LYS B 21 12.70 -12.88 6.88
N ALA B 22 11.50 -12.44 7.18
CA ALA B 22 10.97 -11.24 6.56
C ALA B 22 11.81 -10.04 6.94
N GLY B 23 12.14 -9.90 8.22
CA GLY B 23 13.01 -8.80 8.64
C GLY B 23 14.33 -8.73 7.90
N ARG B 24 14.97 -9.87 7.68
CA ARG B 24 16.27 -9.87 7.01
C ARG B 24 16.20 -9.49 5.56
N ILE B 25 15.10 -9.88 4.91
CA ILE B 25 14.85 -9.48 3.53
C ILE B 25 14.73 -7.95 3.50
N LEU B 26 13.98 -7.41 4.45
CA LEU B 26 13.78 -5.96 4.54
C LEU B 26 15.09 -5.23 4.91
N ALA B 27 15.90 -5.84 5.77
CA ALA B 27 17.18 -5.22 6.14
C ALA B 27 18.09 -5.12 4.92
N GLU B 28 18.15 -6.20 4.15
CA GLU B 28 18.97 -6.22 2.95
C GLU B 28 18.47 -5.18 1.92
N LYS B 29 17.17 -4.87 1.94
CA LYS B 29 16.62 -3.82 1.08
C LYS B 29 16.90 -2.42 1.64
N GLY B 30 17.68 -2.34 2.70
CA GLY B 30 18.09 -1.06 3.27
C GLY B 30 17.13 -0.44 4.27
N TYR B 31 16.13 -1.19 4.72
CA TYR B 31 15.23 -0.71 5.75
C TYR B 31 15.83 -0.83 7.15
N ASN B 32 15.25 -0.05 8.07
CA ASN B 32 15.64 -0.04 9.48
C ASN B 32 14.93 -1.18 10.20
N VAL B 33 15.66 -2.27 10.42
CA VAL B 33 15.07 -3.48 10.99
C VAL B 33 15.77 -3.84 12.29
N LEU B 34 14.99 -4.00 13.36
CA LEU B 34 15.54 -4.53 14.60
C LEU B 34 15.12 -5.97 14.74
N GLU B 35 16.09 -6.88 14.80
CA GLU B 35 15.74 -8.26 15.05
C GLU B 35 15.50 -8.42 16.54
N VAL B 36 14.23 -8.36 16.92
CA VAL B 36 13.82 -8.50 18.32
C VAL B 36 13.85 -9.96 18.75
N GLY B 37 13.40 -10.86 17.88
CA GLY B 37 13.40 -12.29 18.20
C GLY B 37 12.38 -12.51 19.28
N THR B 38 12.84 -12.92 20.46
CA THR B 38 11.93 -12.99 21.59
C THR B 38 12.32 -12.02 22.71
N ASP B 39 13.07 -10.97 22.41
CA ASP B 39 13.50 -10.02 23.43
C ASP B 39 13.23 -8.55 23.12
N ILE B 40 12.09 -8.07 23.59
CA ILE B 40 11.58 -6.75 23.26
C ILE B 40 12.46 -5.61 23.83
N PHE B 41 13.26 -5.92 24.85
CA PHE B 41 14.04 -4.87 25.48
C PHE B 41 15.25 -4.49 24.61
N ARG B 42 15.48 -5.24 23.53
CA ARG B 42 16.48 -4.79 22.56
C ARG B 42 16.02 -3.48 21.97
N LEU B 43 14.72 -3.19 22.05
CA LEU B 43 14.18 -1.94 21.57
C LEU B 43 14.71 -0.77 22.41
N ALA B 44 15.01 -1.05 23.67
CA ALA B 44 15.48 -0.02 24.60
C ALA B 44 16.73 0.71 24.10
N ASN B 45 17.69 -0.03 23.57
CA ASN B 45 18.93 0.56 23.03
C ASN B 45 18.85 1.03 21.60
N HIS B 46 18.03 0.36 20.81
CA HIS B 46 17.91 0.65 19.38
C HIS B 46 16.93 1.78 19.03
N TYR B 47 15.82 1.90 19.73
CA TYR B 47 14.79 2.88 19.34
C TYR B 47 15.37 4.28 19.24
N ASN B 48 14.90 5.05 18.26
CA ASN B 48 15.43 6.38 18.06
C ASN B 48 14.31 7.34 17.68
N GLY B 49 13.16 7.13 18.29
CA GLY B 49 12.02 8.03 18.15
C GLY B 49 11.28 7.89 16.84
N GLU B 50 11.54 6.83 16.08
CA GLU B 50 10.82 6.61 14.84
C GLU B 50 9.31 6.64 15.08
N GLU B 51 8.57 7.19 14.11
CA GLU B 51 7.17 7.57 14.30
C GLU B 51 6.19 6.49 13.84
N ARG B 52 6.71 5.49 13.13
CA ARG B 52 5.91 4.37 12.68
C ARG B 52 6.65 3.10 13.01
N ILE B 53 5.96 2.18 13.68
CA ILE B 53 6.52 0.90 14.10
C ILE B 53 5.78 -0.23 13.41
N VAL B 54 6.53 -1.11 12.75
CA VAL B 54 5.93 -2.22 12.04
C VAL B 54 6.41 -3.54 12.65
N ILE B 55 5.49 -4.27 13.27
CA ILE B 55 5.82 -5.51 13.99
C ILE B 55 5.52 -6.70 13.08
N ILE B 56 6.50 -7.58 12.85
CA ILE B 56 6.25 -8.74 11.98
C ILE B 56 6.48 -10.01 12.80
N ASP B 57 5.49 -10.89 12.84
CA ASP B 57 5.60 -12.07 13.69
C ASP B 57 4.83 -13.22 13.09
N ALA B 58 5.20 -14.45 13.45
CA ALA B 58 4.39 -15.59 13.08
C ALA B 58 3.20 -15.72 14.01
N ILE B 59 2.05 -16.14 13.48
CA ILE B 59 0.90 -16.39 14.32
C ILE B 59 0.33 -17.79 14.06
N LEU B 60 -0.47 -18.28 14.99
CA LEU B 60 -1.15 -19.56 14.83
C LEU B 60 -2.64 -19.33 14.62
N SER B 61 -3.25 -20.11 13.73
CA SER B 61 -4.71 -20.02 13.54
C SER B 61 -5.33 -21.33 13.13
N ASP B 62 -6.55 -21.57 13.60
CA ASP B 62 -7.35 -22.72 13.17
C ASP B 62 -8.34 -22.29 12.08
N LYS B 63 -8.57 -20.99 11.98
CA LYS B 63 -9.51 -20.45 10.99
C LYS B 63 -8.80 -20.09 9.69
N LEU B 64 -7.59 -19.55 9.80
CA LEU B 64 -6.84 -19.10 8.63
C LEU B 64 -5.85 -20.16 8.15
N LYS B 65 -5.51 -20.11 6.87
CA LYS B 65 -4.63 -21.11 6.26
C LYS B 65 -3.14 -20.76 6.41
N PRO B 66 -2.29 -21.78 6.48
CA PRO B 66 -0.85 -21.51 6.53
C PRO B 66 -0.40 -20.63 5.39
N GLY B 67 0.46 -19.66 5.67
CA GLY B 67 0.95 -18.77 4.65
C GLY B 67 0.18 -17.47 4.55
N GLU B 68 -1.07 -17.44 5.02
CA GLU B 68 -1.87 -16.21 4.93
C GLU B 68 -1.25 -15.15 5.82
N VAL B 69 -1.48 -13.88 5.49
CA VAL B 69 -0.88 -12.80 6.25
C VAL B 69 -2.00 -11.88 6.74
N VAL B 70 -1.93 -11.46 8.00
CA VAL B 70 -2.88 -10.50 8.56
C VAL B 70 -2.18 -9.17 8.79
N HIS B 71 -2.95 -8.10 8.75
CA HIS B 71 -2.38 -6.78 8.98
C HIS B 71 -3.37 -6.01 9.83
N PHE B 72 -2.91 -5.58 11.01
CA PHE B 72 -3.73 -4.83 11.95
C PHE B 72 -3.04 -3.54 12.29
N SER B 73 -3.81 -2.55 12.74
CA SER B 73 -3.22 -1.27 13.12
C SER B 73 -3.90 -0.67 14.34
N GLY B 74 -3.12 0.01 15.17
CA GLY B 74 -3.64 0.70 16.34
C GLY B 74 -4.21 -0.21 17.40
N GLU B 75 -5.30 0.24 18.01
CA GLU B 75 -5.91 -0.46 19.14
C GLU B 75 -6.39 -1.85 18.77
N GLU B 76 -6.82 -1.98 17.51
CA GLU B 76 -7.22 -3.25 16.91
C GLU B 76 -6.26 -4.39 17.27
N ILE B 77 -4.97 -4.10 17.25
CA ILE B 77 -3.93 -5.07 17.58
C ILE B 77 -4.12 -5.73 18.94
N PHE B 78 -4.24 -4.90 19.97
CA PHE B 78 -4.30 -5.38 21.35
C PHE B 78 -5.65 -6.01 21.69
N GLU B 79 -6.69 -5.61 20.97
CA GLU B 79 -7.99 -6.25 21.10
C GLU B 79 -7.99 -7.59 20.39
N LYS B 80 -7.40 -7.63 19.19
CA LYS B 80 -7.35 -8.86 18.41
C LYS B 80 -6.44 -9.89 19.08
N LEU B 81 -5.35 -9.41 19.66
CA LEU B 81 -4.44 -10.27 20.40
C LEU B 81 -5.08 -10.82 21.67
N LYS B 82 -6.27 -10.32 22.01
CA LYS B 82 -6.94 -10.73 23.23
C LYS B 82 -7.57 -12.12 23.12
N ALA B 83 -8.21 -12.41 21.99
CA ALA B 83 -9.05 -13.60 21.90
C ALA B 83 -8.76 -14.54 20.72
N GLU B 84 -8.54 -13.99 19.53
CA GLU B 84 -8.48 -14.85 18.35
C GLU B 84 -7.09 -14.98 17.74
N ILE B 85 -6.28 -13.92 17.81
CA ILE B 85 -4.93 -13.98 17.26
C ILE B 85 -4.00 -14.56 18.30
N ARG B 86 -3.25 -15.58 17.90
CA ARG B 86 -2.28 -16.20 18.79
C ARG B 86 -0.87 -15.98 18.24
N SER B 87 -0.33 -14.79 18.47
CA SER B 87 1.06 -14.53 18.13
C SER B 87 1.94 -15.39 19.02
N ALA B 88 2.98 -15.96 18.46
CA ALA B 88 3.81 -16.86 19.25
C ALA B 88 4.73 -16.08 20.18
N HIS B 89 5.07 -14.84 19.79
CA HIS B 89 6.12 -14.11 20.49
C HIS B 89 5.69 -12.71 20.90
N PHE B 90 4.72 -12.18 20.18
CA PHE B 90 4.37 -10.77 20.35
C PHE B 90 3.66 -10.54 21.66
N MET B 91 2.77 -11.45 22.01
CA MET B 91 1.98 -11.27 23.20
C MET B 91 2.90 -11.47 24.40
N GLY B 92 3.93 -12.29 24.21
CA GLY B 92 4.96 -12.51 25.21
C GLY B 92 5.89 -11.31 25.36
N ALA B 93 5.69 -10.32 24.51
CA ALA B 93 6.50 -9.10 24.49
C ALA B 93 5.70 -7.86 24.90
N ILE B 94 4.38 -7.99 25.01
CA ILE B 94 3.55 -6.81 25.17
C ILE B 94 3.78 -6.10 26.50
N ASP B 95 3.99 -6.86 27.58
CA ASP B 95 4.28 -6.25 28.90
C ASP B 95 5.54 -5.39 28.82
N GLY B 96 6.60 -5.95 28.22
CA GLY B 96 7.82 -5.22 28.00
C GLY B 96 7.60 -3.97 27.15
N LEU B 97 6.83 -4.11 26.07
CA LEU B 97 6.51 -2.98 25.21
C LEU B 97 5.74 -1.91 25.99
N LYS B 98 4.78 -2.36 26.79
CA LYS B 98 4.02 -1.42 27.61
C LYS B 98 4.90 -0.68 28.62
N LEU B 99 5.89 -1.35 29.19
CA LEU B 99 6.82 -0.68 30.09
C LEU B 99 7.62 0.37 29.32
N LEU B 100 8.05 0.00 28.11
CA LEU B 100 8.86 0.91 27.30
C LEU B 100 8.06 2.16 26.97
N MET B 101 6.77 1.96 26.72
CA MET B 101 5.87 3.06 26.37
C MET B 101 5.64 3.96 27.57
N ALA B 102 5.71 3.38 28.77
CA ALA B 102 5.59 4.17 29.99
C ALA B 102 6.82 5.03 30.21
N LEU B 103 7.96 4.57 29.70
CA LEU B 103 9.20 5.31 29.89
C LEU B 103 9.50 6.24 28.71
N ASP B 104 8.67 6.17 27.66
CA ASP B 104 8.94 6.92 26.44
C ASP B 104 7.64 7.31 25.74
N GLU B 105 7.24 8.58 25.88
CA GLU B 105 6.01 9.07 25.26
C GLU B 105 6.04 8.98 23.72
N ARG B 106 7.22 9.17 23.12
CA ARG B 106 7.37 9.00 21.67
C ARG B 106 6.90 7.63 21.21
N LEU B 107 7.31 6.61 21.94
CA LEU B 107 6.94 5.25 21.61
C LEU B 107 5.47 5.05 21.92
N LYS B 108 5.00 5.73 22.97
CA LYS B 108 3.62 5.58 23.39
C LYS B 108 2.67 6.05 22.30
N ARG B 109 3.12 7.01 21.51
CA ARG B 109 2.25 7.60 20.50
C ARG B 109 2.65 7.29 19.05
N ALA B 110 3.64 6.43 18.87
CA ALA B 110 4.03 6.00 17.52
C ALA B 110 2.88 5.26 16.86
N GLU B 111 2.85 5.23 15.53
CA GLU B 111 1.82 4.49 14.83
C GLU B 111 2.23 3.02 14.74
N ILE B 112 1.40 2.12 15.28
CA ILE B 112 1.76 0.71 15.39
C ILE B 112 1.06 -0.16 14.37
N HIS B 113 1.83 -0.94 13.62
CA HIS B 113 1.24 -1.92 12.72
C HIS B 113 1.72 -3.32 13.12
N PHE B 114 0.86 -4.29 12.90
CA PHE B 114 1.18 -5.70 13.13
C PHE B 114 0.98 -6.50 11.85
N ILE B 115 2.03 -7.18 11.39
CA ILE B 115 1.94 -8.05 10.23
C ILE B 115 2.14 -9.48 10.74
N GLY B 116 1.11 -10.32 10.70
CA GLY B 116 1.22 -11.69 11.19
C GLY B 116 1.19 -12.70 10.04
N ILE B 117 2.09 -13.67 10.09
CA ILE B 117 2.23 -14.68 9.05
C ILE B 117 1.80 -16.01 9.67
N VAL B 118 0.74 -16.63 9.12
CA VAL B 118 0.17 -17.82 9.75
C VAL B 118 1.10 -19.02 9.54
N ALA B 119 1.54 -19.62 10.65
CA ALA B 119 2.50 -20.72 10.62
C ALA B 119 1.83 -22.04 10.28
N LYS B 120 2.61 -22.94 9.67
CA LYS B 120 2.17 -24.32 9.39
C LYS B 120 2.81 -25.28 10.38
N GLU B 121 4.13 -25.22 10.49
CA GLU B 121 4.87 -26.09 11.40
C GLU B 121 5.81 -25.27 12.27
N ILE B 122 5.83 -25.55 13.57
CA ILE B 122 6.67 -24.78 14.49
C ILE B 122 7.56 -25.67 15.38
N ASP B 123 7.81 -26.89 14.94
CA ASP B 123 8.74 -27.77 15.64
C ASP B 123 10.16 -27.39 15.27
N LEU B 124 11.13 -28.06 15.91
CA LEU B 124 12.54 -27.77 15.71
C LEU B 124 12.96 -27.93 14.26
N GLY B 125 13.64 -26.93 13.72
CA GLY B 125 14.05 -26.96 12.33
C GLY B 125 14.31 -25.55 11.80
N MET B 126 15.04 -25.46 10.70
CA MET B 126 15.42 -24.15 10.16
C MET B 126 14.78 -23.82 8.80
N GLU B 127 13.98 -24.72 8.26
CA GLU B 127 13.32 -24.42 6.98
C GLU B 127 11.86 -24.01 7.21
N LEU B 128 11.43 -22.94 6.56
CA LEU B 128 10.02 -22.56 6.55
C LEU B 128 9.26 -23.52 5.64
N SER B 129 8.00 -23.78 5.95
CA SER B 129 7.15 -24.49 4.99
C SER B 129 7.02 -23.66 3.71
N ASP B 130 6.77 -24.31 2.57
CA ASP B 130 6.64 -23.55 1.31
C ASP B 130 5.51 -22.55 1.36
N GLU B 131 4.47 -22.85 2.13
CA GLU B 131 3.36 -21.93 2.30
C GLU B 131 3.83 -20.65 2.99
N VAL B 132 4.68 -20.82 3.99
CA VAL B 132 5.13 -19.67 4.77
C VAL B 132 6.25 -18.93 4.05
N LYS B 133 7.00 -19.66 3.21
CA LYS B 133 7.97 -18.99 2.35
C LYS B 133 7.26 -17.89 1.55
N ALA B 134 6.05 -18.19 1.09
CA ALA B 134 5.26 -17.25 0.30
C ALA B 134 4.67 -16.13 1.16
N GLY B 135 4.17 -16.50 2.33
CA GLY B 135 3.62 -15.53 3.26
C GLY B 135 4.65 -14.49 3.63
N VAL B 136 5.89 -14.93 3.78
CA VAL B 136 7.00 -14.00 4.06
C VAL B 136 7.13 -12.96 2.94
N GLN B 137 7.06 -13.39 1.68
CA GLN B 137 7.10 -12.43 0.57
C GLN B 137 5.94 -11.43 0.64
N LYS B 138 4.73 -11.91 0.91
CA LYS B 138 3.58 -11.03 1.08
C LYS B 138 3.70 -10.12 2.31
N ALA B 139 4.37 -10.59 3.36
CA ALA B 139 4.60 -9.71 4.51
C ALA B 139 5.59 -8.61 4.17
N VAL B 140 6.64 -8.98 3.45
CA VAL B 140 7.67 -8.04 3.01
C VAL B 140 7.04 -6.94 2.15
N GLU B 141 6.09 -7.32 1.28
CA GLU B 141 5.42 -6.33 0.43
C GLU B 141 4.60 -5.33 1.25
N ILE B 142 3.85 -5.83 2.23
CA ILE B 142 3.07 -4.97 3.12
C ILE B 142 3.98 -4.04 3.91
N ALA B 143 5.10 -4.58 4.39
CA ALA B 143 6.05 -3.76 5.13
C ALA B 143 6.67 -2.68 4.25
N GLU B 144 7.07 -3.05 3.04
CA GLU B 144 7.68 -2.08 2.12
C GLU B 144 6.70 -0.95 1.83
N LYS B 145 5.43 -1.32 1.70
CA LYS B 145 4.35 -0.36 1.48
C LYS B 145 4.22 0.60 2.66
N LEU B 146 4.49 0.11 3.87
CA LEU B 146 4.34 0.93 5.08
C LEU B 146 5.59 1.74 5.39
N ALA B 147 6.74 1.29 4.90
CA ALA B 147 8.02 1.87 5.30
C ALA B 147 8.47 3.02 4.41
N LYS B 148 7.93 3.09 3.20
CA LYS B 148 8.25 4.16 2.27
C LYS B 148 7.00 4.65 1.55
#